data_4ORF
#
_entry.id   4ORF
#
_cell.length_a   38.295
_cell.length_b   82.847
_cell.length_c   104.370
_cell.angle_alpha   90.000
_cell.angle_beta   90.000
_cell.angle_gamma   90.000
#
_symmetry.space_group_name_H-M   'P 21 21 21'
#
loop_
_entity.id
_entity.type
_entity.pdbx_description
1 polymer 'Acetyltransferase Pat'
2 non-polymer 'CHLORIDE ION'
3 water water
#
_entity_poly.entity_id   1
_entity_poly.type   'polypeptide(L)'
_entity_poly.pdbx_seq_one_letter_code
;GAMDPGNVAELTEVRAADLAALEFFTGCRPSALEPLATQLRPLKAEPGQVLIRQGDPALTFMLIESGRVQVSHAVADGPP
IVLDIEPGLIIGEIALLRDAPKTATVVAAEPVIGWVGDRDAFDTILHLPGMFDRLVRIARQRLAAFITPIPVQVRTGEWF
YLRPVLPGDVERTLNGPVEFSSETLYRRFQSVRKPTRALLEYLFEVDYADHFVWVMTEGALGPVIADARFVREGHNATMA
EVAFTVGDDYQGRGIGSFLMGALIVSANYVGVQRFNARVLTDNMAMRKIMDRLGAVWVREDLGVVMTEVDVPPVDTVPFE
PELIDQIRDATRKVIRAVSQ
;
_entity_poly.pdbx_strand_id   A
#
# COMPACT_ATOMS: atom_id res chain seq x y z
N ALA A 9 34.61 15.47 13.34
CA ALA A 9 33.85 14.46 12.54
C ALA A 9 34.13 14.61 11.04
N GLU A 10 34.99 13.73 10.53
CA GLU A 10 35.38 13.71 9.11
C GLU A 10 34.69 12.57 8.34
N LEU A 11 34.50 11.47 9.06
CA LEU A 11 33.64 10.37 8.65
C LEU A 11 32.36 10.92 8.00
N THR A 12 31.64 11.77 8.73
CA THR A 12 30.42 12.41 8.23
C THR A 12 30.48 12.94 6.78
N GLU A 13 31.58 13.58 6.41
CA GLU A 13 31.78 14.10 5.04
C GLU A 13 31.94 12.95 4.05
N VAL A 14 32.68 11.92 4.48
CA VAL A 14 33.00 10.74 3.67
C VAL A 14 31.74 9.91 3.46
N ARG A 15 31.05 9.64 4.57
CA ARG A 15 29.67 9.09 4.58
C ARG A 15 28.77 9.77 3.54
N ALA A 16 28.68 11.09 3.63
CA ALA A 16 27.77 11.86 2.79
C ALA A 16 28.09 11.49 1.36
N ALA A 17 29.40 11.50 1.11
CA ALA A 17 30.02 11.15 -0.14
C ALA A 17 29.58 9.82 -0.68
N ASP A 18 29.67 8.73 0.09
CA ASP A 18 29.24 7.42 -0.40
C ASP A 18 27.75 7.47 -0.70
N LEU A 19 27.01 8.05 0.24
CA LEU A 19 25.56 8.14 0.07
C LEU A 19 25.19 8.79 -1.27
N ALA A 20 25.83 9.94 -1.53
CA ALA A 20 25.60 10.70 -2.77
C ALA A 20 25.75 9.91 -4.06
N ALA A 21 26.56 8.84 -4.00
CA ALA A 21 26.97 8.02 -5.15
C ALA A 21 26.07 6.82 -5.36
N LEU A 22 25.10 6.64 -4.47
CA LEU A 22 24.15 5.60 -4.65
C LEU A 22 23.11 5.95 -5.73
N GLU A 23 22.67 4.94 -6.47
CA GLU A 23 21.53 5.08 -7.34
C GLU A 23 20.41 5.84 -6.55
N PHE A 24 20.09 5.34 -5.36
CA PHE A 24 18.96 5.84 -4.55
C PHE A 24 18.97 7.37 -4.46
N PHE A 25 20.18 7.99 -4.45
CA PHE A 25 20.39 9.41 -4.12
C PHE A 25 20.96 10.16 -5.29
N THR A 26 20.71 9.64 -6.49
CA THR A 26 21.14 10.27 -7.72
C THR A 26 20.57 11.66 -7.77
N GLY A 27 21.42 12.64 -8.02
CA GLY A 27 20.93 14.00 -8.21
C GLY A 27 20.78 14.83 -6.95
N CYS A 28 21.25 14.32 -5.81
CA CYS A 28 21.37 15.06 -4.55
C CYS A 28 22.80 15.52 -4.40
N ARG A 29 23.04 16.71 -3.87
CA ARG A 29 24.42 17.16 -3.63
C ARG A 29 24.93 16.49 -2.36
N PRO A 30 26.23 16.06 -2.31
CA PRO A 30 26.75 15.28 -1.17
C PRO A 30 26.62 16.00 0.15
N SER A 31 26.80 17.31 0.13
CA SER A 31 26.66 18.14 1.31
C SER A 31 25.27 18.09 1.92
N ALA A 32 24.24 18.07 1.08
CA ALA A 32 22.86 18.10 1.50
C ALA A 32 22.45 16.77 2.17
N LEU A 33 23.31 15.78 1.98
CA LEU A 33 23.24 14.49 2.64
C LEU A 33 24.04 14.38 3.93
N GLU A 34 24.80 15.42 4.29
CA GLU A 34 25.60 15.37 5.52
C GLU A 34 24.82 15.11 6.85
N PRO A 35 23.69 15.83 7.11
CA PRO A 35 22.86 15.47 8.30
C PRO A 35 22.33 14.05 8.30
N LEU A 36 21.96 13.56 7.14
CA LEU A 36 21.42 12.20 7.03
C LEU A 36 22.55 11.22 7.31
N ALA A 37 23.74 11.52 6.78
CA ALA A 37 24.98 10.79 7.13
C ALA A 37 25.16 10.58 8.64
N THR A 38 24.90 11.63 9.40
CA THR A 38 25.01 11.55 10.87
C THR A 38 24.03 10.53 11.45
N GLN A 39 22.99 10.21 10.72
CA GLN A 39 21.93 9.40 11.29
C GLN A 39 21.90 7.97 10.79
N LEU A 40 22.63 7.67 9.72
CA LEU A 40 22.76 6.34 9.13
C LEU A 40 24.02 5.61 9.57
N ARG A 41 23.94 4.30 9.71
CA ARG A 41 25.07 3.47 10.09
C ARG A 41 25.29 2.43 8.97
N PRO A 42 26.56 2.26 8.52
CA PRO A 42 26.80 1.24 7.52
C PRO A 42 26.55 -0.14 8.10
N LEU A 43 26.09 -1.06 7.25
CA LEU A 43 25.94 -2.47 7.60
C LEU A 43 26.56 -3.37 6.51
N LYS A 44 27.31 -4.39 6.92
CA LYS A 44 27.74 -5.42 6.00
C LYS A 44 27.19 -6.74 6.51
N ALA A 45 26.87 -7.63 5.58
CA ALA A 45 26.34 -8.96 5.96
C ALA A 45 26.77 -10.01 4.94
N GLU A 46 26.79 -11.24 5.43
CA GLU A 46 27.27 -12.41 4.69
C GLU A 46 26.10 -13.19 4.16
N PRO A 47 26.29 -13.92 3.03
CA PRO A 47 25.25 -14.83 2.53
C PRO A 47 24.68 -15.73 3.64
N GLY A 48 23.35 -15.86 3.74
CA GLY A 48 22.79 -16.64 4.82
C GLY A 48 22.40 -15.82 6.04
N GLN A 49 23.09 -14.70 6.29
CA GLN A 49 22.79 -13.82 7.41
C GLN A 49 21.35 -13.29 7.46
N VAL A 50 20.69 -13.43 8.61
CA VAL A 50 19.45 -12.66 8.84
C VAL A 50 19.67 -11.14 8.90
N LEU A 51 19.01 -10.40 8.02
CA LEU A 51 19.05 -8.97 8.16
C LEU A 51 17.87 -8.54 9.02
N ILE A 52 16.81 -9.37 9.04
CA ILE A 52 15.59 -9.10 9.81
C ILE A 52 14.89 -10.37 10.14
N ARG A 53 14.59 -10.59 11.42
CA ARG A 53 13.94 -11.82 11.84
C ARG A 53 12.49 -11.57 12.10
N GLN A 54 11.68 -12.55 11.72
CA GLN A 54 10.30 -12.49 12.03
C GLN A 54 10.10 -12.45 13.55
N GLY A 55 9.19 -11.58 14.03
CA GLY A 55 8.93 -11.36 15.46
C GLY A 55 9.73 -10.21 16.09
N ASP A 56 10.79 -9.75 15.40
CA ASP A 56 11.49 -8.55 15.83
C ASP A 56 10.61 -7.28 15.83
N PRO A 57 10.89 -6.37 16.76
CA PRO A 57 10.30 -5.04 16.75
C PRO A 57 10.87 -4.29 15.56
N ALA A 58 10.07 -3.33 15.10
CA ALA A 58 10.51 -2.58 13.91
C ALA A 58 11.30 -1.40 14.49
N LEU A 59 12.61 -1.50 14.48
CA LEU A 59 13.47 -0.47 15.12
C LEU A 59 14.16 0.36 14.07
N THR A 60 14.45 -0.27 12.94
CA THR A 60 15.17 0.46 11.88
C THR A 60 14.67 0.09 10.48
N PHE A 61 15.07 0.88 9.49
CA PHE A 61 14.95 0.48 8.09
C PHE A 61 16.37 0.23 7.58
N MET A 62 16.45 -0.39 6.43
CA MET A 62 17.72 -0.54 5.82
C MET A 62 17.62 -0.13 4.39
N LEU A 63 18.59 0.66 3.97
CA LEU A 63 18.80 1.04 2.61
C LEU A 63 19.93 0.13 2.10
N ILE A 64 19.64 -0.69 1.11
CA ILE A 64 20.67 -1.65 0.67
C ILE A 64 21.37 -1.11 -0.54
N GLU A 65 22.70 -0.89 -0.43
CA GLU A 65 23.51 -0.46 -1.56
C GLU A 65 23.68 -1.57 -2.60
N SER A 66 23.97 -2.77 -2.13
CA SER A 66 24.20 -3.89 -3.03
C SER A 66 23.96 -5.19 -2.29
N GLY A 67 23.64 -6.23 -3.04
CA GLY A 67 23.38 -7.54 -2.45
C GLY A 67 21.89 -7.86 -2.50
N ARG A 68 21.59 -8.97 -3.13
CA ARG A 68 20.26 -9.50 -3.23
C ARG A 68 19.83 -10.02 -1.86
N VAL A 69 18.59 -9.71 -1.50
CA VAL A 69 18.02 -10.28 -0.29
C VAL A 69 16.81 -11.17 -0.57
N GLN A 70 16.49 -12.02 0.40
CA GLN A 70 15.44 -13.00 0.26
C GLN A 70 14.48 -12.77 1.41
N VAL A 71 13.24 -12.55 1.05
CA VAL A 71 12.16 -12.35 2.04
C VAL A 71 11.33 -13.62 2.19
N SER A 72 11.08 -14.02 3.41
CA SER A 72 10.17 -15.18 3.62
C SER A 72 9.18 -14.89 4.76
N HIS A 73 8.02 -15.50 4.69
CA HIS A 73 7.08 -15.38 5.77
C HIS A 73 6.82 -16.74 6.31
N ALA A 74 7.18 -16.95 7.57
CA ALA A 74 6.93 -18.24 8.23
C ALA A 74 5.43 -18.37 8.58
N VAL A 75 4.84 -19.51 8.22
CA VAL A 75 3.46 -19.81 8.58
C VAL A 75 3.46 -20.98 9.55
N ALA A 76 2.69 -20.84 10.65
CA ALA A 76 2.55 -21.86 11.71
C ALA A 76 2.29 -23.30 11.20
N ASP A 77 1.72 -23.36 9.99
CA ASP A 77 1.29 -24.62 9.35
C ASP A 77 1.84 -24.82 7.92
N GLY A 78 2.89 -25.65 7.77
CA GLY A 78 3.58 -25.87 6.48
C GLY A 78 4.71 -24.85 6.23
N PRO A 79 5.75 -25.24 5.45
CA PRO A 79 6.97 -24.45 5.15
C PRO A 79 6.81 -22.92 4.84
N PRO A 80 7.86 -22.12 5.14
CA PRO A 80 7.87 -20.66 4.86
C PRO A 80 7.78 -20.27 3.38
N ILE A 81 6.98 -19.25 3.08
CA ILE A 81 6.82 -18.82 1.68
C ILE A 81 7.71 -17.60 1.34
N VAL A 82 8.49 -17.78 0.26
CA VAL A 82 9.79 -17.10 -0.02
C VAL A 82 9.81 -16.21 -1.30
N LEU A 83 10.65 -15.17 -1.33
CA LEU A 83 10.80 -14.26 -2.51
C LEU A 83 12.11 -13.47 -2.58
N ASP A 84 12.58 -13.23 -3.80
CA ASP A 84 13.74 -12.37 -4.05
C ASP A 84 13.44 -10.89 -4.17
N ILE A 85 14.36 -10.06 -3.69
CA ILE A 85 14.53 -8.72 -4.27
C ILE A 85 15.99 -8.22 -4.42
N GLU A 86 16.28 -7.82 -5.66
CA GLU A 86 17.41 -6.93 -5.96
C GLU A 86 17.54 -5.71 -5.01
N PRO A 87 18.78 -5.16 -4.90
CA PRO A 87 19.06 -4.01 -4.05
C PRO A 87 18.60 -2.68 -4.67
N GLY A 88 18.91 -1.57 -3.98
CA GLY A 88 18.47 -0.23 -4.41
C GLY A 88 17.20 0.23 -3.72
N LEU A 89 16.58 -0.64 -2.92
CA LEU A 89 15.47 -0.20 -2.14
C LEU A 89 15.73 -0.19 -0.62
N ILE A 90 14.67 0.17 0.06
CA ILE A 90 14.61 0.25 1.45
C ILE A 90 13.77 -0.98 1.80
N ILE A 91 14.07 -1.57 2.92
CA ILE A 91 13.34 -2.66 3.48
C ILE A 91 12.99 -2.28 4.90
N GLY A 92 11.85 -2.75 5.38
CA GLY A 92 11.50 -2.57 6.78
C GLY A 92 10.87 -1.18 7.11
N GLU A 93 10.72 -0.32 6.11
CA GLU A 93 10.18 1.02 6.39
C GLU A 93 8.69 1.04 6.75
N ILE A 94 7.89 0.07 6.27
CA ILE A 94 6.47 0.01 6.64
C ILE A 94 6.25 -0.39 8.07
N ALA A 95 6.90 -1.50 8.47
CA ALA A 95 6.82 -1.93 9.84
C ALA A 95 7.31 -0.80 10.72
N LEU A 96 8.40 -0.14 10.33
CA LEU A 96 9.02 0.92 11.14
C LEU A 96 7.95 2.00 11.41
N LEU A 97 7.24 2.38 10.37
CA LEU A 97 6.35 3.57 10.47
C LEU A 97 5.11 3.18 11.21
N ARG A 98 4.65 1.96 11.00
CA ARG A 98 3.53 1.36 11.71
C ARG A 98 3.81 0.87 13.14
N ASP A 99 5.08 0.92 13.59
CA ASP A 99 5.50 0.25 14.84
C ASP A 99 4.86 -1.11 14.99
N ALA A 100 4.92 -1.95 13.97
CA ALA A 100 4.39 -3.30 14.09
C ALA A 100 5.54 -4.25 14.19
N PRO A 101 5.35 -5.41 14.84
CA PRO A 101 6.43 -6.40 14.76
C PRO A 101 6.56 -7.00 13.37
N LYS A 102 7.78 -7.30 12.96
CA LYS A 102 8.04 -7.84 11.62
C LYS A 102 7.31 -9.15 11.47
N THR A 103 6.71 -9.35 10.32
CA THR A 103 6.09 -10.64 10.05
C THR A 103 6.87 -11.45 9.04
N ALA A 104 7.89 -10.86 8.43
CA ALA A 104 8.62 -11.61 7.40
C ALA A 104 10.10 -11.62 7.66
N THR A 105 10.73 -12.77 7.54
CA THR A 105 12.19 -12.86 7.70
C THR A 105 12.93 -12.36 6.44
N VAL A 106 14.04 -11.64 6.62
CA VAL A 106 14.83 -11.25 5.45
C VAL A 106 16.31 -11.63 5.59
N VAL A 107 16.83 -12.31 4.58
CA VAL A 107 18.14 -12.92 4.65
C VAL A 107 18.97 -12.44 3.45
N ALA A 108 20.25 -12.22 3.70
CA ALA A 108 21.20 -11.88 2.66
C ALA A 108 21.41 -13.12 1.79
N ALA A 109 21.07 -13.04 0.52
CA ALA A 109 21.34 -14.12 -0.43
C ALA A 109 22.77 -13.96 -1.02
N GLU A 110 23.25 -12.73 -1.02
CA GLU A 110 24.59 -12.35 -1.48
C GLU A 110 25.21 -11.47 -0.43
N PRO A 111 26.56 -11.30 -0.44
CA PRO A 111 27.10 -10.32 0.54
C PRO A 111 26.28 -9.04 0.38
N VAL A 112 25.93 -8.41 1.50
CA VAL A 112 25.06 -7.23 1.51
C VAL A 112 25.79 -6.02 2.14
N ILE A 113 25.71 -4.89 1.45
CA ILE A 113 26.24 -3.62 1.95
C ILE A 113 25.07 -2.69 2.01
N GLY A 114 24.97 -1.96 3.10
CA GLY A 114 23.94 -0.94 3.12
C GLY A 114 23.92 -0.15 4.41
N TRP A 115 22.79 0.51 4.67
CA TRP A 115 22.71 1.56 5.65
C TRP A 115 21.45 1.44 6.50
N VAL A 116 21.59 1.52 7.79
CA VAL A 116 20.51 1.37 8.74
C VAL A 116 20.22 2.73 9.39
N GLY A 117 18.94 3.07 9.49
CA GLY A 117 18.52 4.28 10.15
C GLY A 117 17.29 3.98 11.01
N ASP A 118 17.03 4.84 11.98
CA ASP A 118 15.72 4.86 12.62
C ASP A 118 14.60 5.67 11.86
N ARG A 119 13.46 5.76 12.51
CA ARG A 119 12.31 6.43 11.95
C ARG A 119 12.60 7.91 11.66
N ASP A 120 13.39 8.53 12.55
CA ASP A 120 13.79 9.95 12.34
C ASP A 120 14.65 10.12 11.10
N ALA A 121 15.60 9.19 10.95
CA ALA A 121 16.37 9.13 9.71
C ALA A 121 15.52 8.91 8.46
N PHE A 122 14.47 8.07 8.56
CA PHE A 122 13.54 7.89 7.45
C PHE A 122 12.77 9.18 7.21
N ASP A 123 12.34 9.87 8.28
CA ASP A 123 11.64 11.19 8.06
C ASP A 123 12.56 12.24 7.36
N THR A 124 13.84 12.17 7.67
CA THR A 124 14.86 13.01 7.07
C THR A 124 14.86 12.74 5.59
N ILE A 125 14.90 11.47 5.23
CA ILE A 125 14.92 11.14 3.83
C ILE A 125 13.68 11.64 3.17
N LEU A 126 12.53 11.43 3.82
CA LEU A 126 11.26 11.87 3.19
C LEU A 126 11.25 13.38 2.88
N HIS A 127 12.02 14.15 3.60
CA HIS A 127 11.95 15.62 3.39
C HIS A 127 12.97 16.13 2.40
N LEU A 128 13.97 15.29 2.08
CA LEU A 128 15.01 15.70 1.10
C LEU A 128 14.39 15.87 -0.25
N PRO A 129 14.83 16.89 -1.06
CA PRO A 129 14.20 17.26 -2.29
C PRO A 129 14.17 16.07 -3.27
N GLY A 130 13.04 15.84 -3.93
CA GLY A 130 12.94 14.71 -4.82
C GLY A 130 12.59 13.35 -4.15
N MET A 131 12.91 13.20 -2.89
CA MET A 131 12.98 11.88 -2.30
C MET A 131 11.63 11.21 -1.94
N PHE A 132 10.64 11.99 -1.51
CA PHE A 132 9.35 11.44 -1.17
C PHE A 132 8.75 10.82 -2.46
N ASP A 133 8.86 11.52 -3.61
CA ASP A 133 8.31 10.97 -4.84
C ASP A 133 9.10 9.78 -5.33
N ARG A 134 10.40 9.80 -5.10
CA ARG A 134 11.20 8.72 -5.53
C ARG A 134 10.85 7.43 -4.74
N LEU A 135 10.74 7.57 -3.44
CA LEU A 135 10.30 6.44 -2.58
C LEU A 135 8.93 5.86 -2.98
N VAL A 136 7.99 6.73 -3.33
CA VAL A 136 6.67 6.32 -3.77
C VAL A 136 6.81 5.56 -5.08
N ARG A 137 7.61 6.07 -6.02
CA ARG A 137 7.89 5.36 -7.26
C ARG A 137 8.53 3.96 -7.00
N ILE A 138 9.45 3.86 -6.06
CA ILE A 138 10.09 2.55 -5.80
C ILE A 138 9.01 1.57 -5.28
N ALA A 139 8.23 2.02 -4.29
CA ALA A 139 7.07 1.25 -3.78
C ALA A 139 6.10 0.82 -4.91
N ARG A 140 5.75 1.75 -5.81
CA ARG A 140 4.86 1.48 -6.90
C ARG A 140 5.40 0.33 -7.81
N GLN A 141 6.71 0.39 -8.09
CA GLN A 141 7.34 -0.56 -8.97
C GLN A 141 7.38 -1.91 -8.27
N ARG A 142 7.78 -1.93 -7.01
CA ARG A 142 7.79 -3.18 -6.25
C ARG A 142 6.38 -3.84 -6.27
N LEU A 143 5.35 -3.07 -5.91
CA LEU A 143 3.95 -3.55 -5.87
C LEU A 143 3.33 -3.97 -7.21
N ALA A 144 3.59 -3.23 -8.27
CA ALA A 144 3.20 -3.64 -9.62
C ALA A 144 3.49 -5.11 -10.01
N ALA A 145 4.60 -5.62 -9.52
CA ALA A 145 4.99 -6.99 -9.72
C ALA A 145 4.06 -8.00 -9.03
N PHE A 146 3.32 -7.56 -8.02
CA PHE A 146 2.31 -8.36 -7.33
C PHE A 146 0.87 -8.07 -7.85
N ILE A 147 0.73 -7.36 -8.96
CA ILE A 147 -0.60 -7.09 -9.49
C ILE A 147 -0.74 -7.60 -10.91
N THR A 148 -1.75 -8.43 -11.15
CA THR A 148 -2.11 -8.74 -12.54
C THR A 148 -3.51 -8.18 -12.73
N PRO A 149 -3.63 -7.10 -13.53
CA PRO A 149 -4.94 -6.52 -13.79
C PRO A 149 -5.91 -7.60 -14.33
N ILE A 150 -7.15 -7.62 -13.86
CA ILE A 150 -8.15 -8.66 -14.20
C ILE A 150 -9.12 -8.06 -15.20
N PRO A 151 -9.21 -8.58 -16.45
CA PRO A 151 -10.18 -7.94 -17.36
C PRO A 151 -11.56 -8.31 -16.92
N VAL A 152 -12.45 -7.33 -16.97
CA VAL A 152 -13.79 -7.48 -16.43
C VAL A 152 -14.75 -6.86 -17.38
N GLN A 153 -15.94 -7.43 -17.53
CA GLN A 153 -16.82 -6.88 -18.56
C GLN A 153 -17.94 -6.15 -17.90
N VAL A 154 -18.16 -4.90 -18.25
CA VAL A 154 -19.16 -4.11 -17.50
C VAL A 154 -20.45 -4.31 -18.28
N ARG A 155 -21.59 -3.98 -17.70
CA ARG A 155 -22.88 -4.31 -18.34
C ARG A 155 -23.12 -3.65 -19.71
N THR A 156 -22.36 -2.61 -19.98
CA THR A 156 -22.34 -1.95 -21.27
C THR A 156 -21.73 -2.88 -22.32
N GLY A 157 -20.91 -3.84 -21.88
CA GLY A 157 -20.25 -4.72 -22.82
C GLY A 157 -18.83 -4.26 -23.08
N GLU A 158 -18.54 -3.02 -22.69
CA GLU A 158 -17.14 -2.53 -22.57
C GLU A 158 -16.30 -3.43 -21.64
N TRP A 159 -15.02 -3.56 -21.98
CA TRP A 159 -14.06 -4.24 -21.13
C TRP A 159 -13.17 -3.25 -20.45
N PHE A 160 -12.99 -3.42 -19.16
CA PHE A 160 -11.97 -2.68 -18.41
C PHE A 160 -11.21 -3.68 -17.60
N TYR A 161 -10.25 -3.16 -16.81
CA TYR A 161 -9.29 -3.95 -16.08
C TYR A 161 -9.35 -3.48 -14.64
N LEU A 162 -9.37 -4.45 -13.74
CA LEU A 162 -9.64 -4.22 -12.35
C LEU A 162 -8.34 -4.53 -11.62
N ARG A 163 -7.89 -3.64 -10.76
CA ARG A 163 -6.68 -3.94 -10.02
C ARG A 163 -6.71 -3.10 -8.73
N PRO A 164 -5.94 -3.54 -7.69
CA PRO A 164 -5.83 -2.71 -6.49
C PRO A 164 -5.18 -1.43 -6.91
N VAL A 165 -5.43 -0.37 -6.17
CA VAL A 165 -4.67 0.88 -6.35
C VAL A 165 -3.16 0.61 -6.18
N LEU A 166 -2.36 1.46 -6.82
CA LEU A 166 -0.91 1.48 -6.62
C LEU A 166 -0.41 2.80 -5.94
N PRO A 167 0.75 2.74 -5.22
CA PRO A 167 1.39 3.94 -4.71
C PRO A 167 1.55 4.89 -5.90
N GLY A 168 1.15 6.13 -5.77
CA GLY A 168 1.40 7.10 -6.83
C GLY A 168 0.15 7.38 -7.65
N ASP A 169 -0.84 6.48 -7.61
CA ASP A 169 -2.02 6.71 -8.47
C ASP A 169 -2.59 8.05 -8.02
N VAL A 170 -2.94 8.98 -8.90
CA VAL A 170 -3.43 10.32 -8.43
C VAL A 170 -4.78 10.24 -7.70
N GLU A 171 -5.44 9.10 -7.78
CA GLU A 171 -6.75 8.90 -7.16
C GLU A 171 -6.62 8.33 -5.75
N ARG A 172 -5.43 7.82 -5.43
CA ARG A 172 -5.08 7.41 -4.07
C ARG A 172 -5.76 8.40 -3.10
N THR A 173 -5.48 9.68 -3.25
CA THR A 173 -6.18 10.76 -2.53
C THR A 173 -7.58 10.38 -2.04
N SER A 182 -5.36 14.43 5.01
CA SER A 182 -4.28 15.15 5.67
C SER A 182 -4.67 15.22 7.12
N GLU A 183 -5.69 16.03 7.42
CA GLU A 183 -6.46 15.83 8.65
C GLU A 183 -7.21 14.48 8.60
N THR A 184 -7.84 14.16 7.45
CA THR A 184 -8.46 12.85 7.25
C THR A 184 -7.41 11.74 7.48
N LEU A 185 -6.15 12.01 7.09
CA LEU A 185 -5.05 11.06 7.28
C LEU A 185 -4.69 10.81 8.75
N TYR A 186 -4.60 11.87 9.55
CA TYR A 186 -4.39 11.64 10.98
C TYR A 186 -5.58 10.98 11.65
N ARG A 187 -6.75 11.53 11.39
CA ARG A 187 -7.96 11.04 12.02
C ARG A 187 -8.11 9.53 11.79
N ARG A 188 -7.41 9.00 10.78
CA ARG A 188 -7.29 7.55 10.64
C ARG A 188 -6.09 7.09 11.48
N PHE A 189 -4.93 7.19 10.82
CA PHE A 189 -3.60 6.84 11.32
C PHE A 189 -3.23 7.42 12.67
N GLN A 190 -4.22 7.67 13.51
CA GLN A 190 -3.96 8.20 14.88
C GLN A 190 -3.09 7.37 15.87
N SER A 191 -2.69 6.17 15.48
CA SER A 191 -1.83 5.27 16.24
C SER A 191 -0.36 5.46 15.92
N VAL A 192 0.01 6.42 15.08
CA VAL A 192 1.40 6.69 14.81
C VAL A 192 1.87 7.76 15.79
N ARG A 193 2.88 7.52 16.64
CA ARG A 193 3.25 8.47 17.67
C ARG A 193 4.08 9.65 17.09
N LYS A 194 3.72 10.85 17.52
CA LYS A 194 4.47 12.06 17.12
C LYS A 194 4.82 12.09 15.68
N PRO A 195 3.85 11.92 14.82
CA PRO A 195 4.15 11.73 13.43
C PRO A 195 4.43 13.14 12.74
N THR A 196 4.85 13.10 11.48
CA THR A 196 4.97 14.27 10.56
C THR A 196 3.98 14.08 9.47
N ARG A 197 3.60 15.15 8.73
CA ARG A 197 2.84 14.95 7.51
C ARG A 197 3.52 14.01 6.59
N ALA A 198 4.82 14.14 6.39
CA ALA A 198 5.46 13.32 5.41
C ALA A 198 5.34 11.79 5.82
N LEU A 199 5.55 11.50 7.08
CA LEU A 199 5.44 10.06 7.49
C LEU A 199 4.03 9.55 7.14
N LEU A 200 3.00 10.29 7.51
CA LEU A 200 1.57 9.92 7.28
C LEU A 200 1.21 9.78 5.84
N GLU A 201 1.72 10.72 5.02
CA GLU A 201 1.53 10.63 3.62
C GLU A 201 2.17 9.42 2.97
N TYR A 202 3.41 9.10 3.33
CA TYR A 202 4.01 7.92 2.77
C TYR A 202 3.20 6.64 3.20
N LEU A 203 2.85 6.57 4.46
CA LEU A 203 2.12 5.32 4.94
C LEU A 203 0.78 5.23 4.14
N PHE A 204 0.17 6.38 3.92
CA PHE A 204 -1.07 6.42 3.14
C PHE A 204 -0.92 5.75 1.79
N GLU A 205 0.23 6.00 1.12
CA GLU A 205 0.49 5.46 -0.22
C GLU A 205 0.71 3.96 -0.27
N VAL A 206 1.08 3.38 0.86
CA VAL A 206 1.39 1.96 0.88
C VAL A 206 0.46 1.16 1.76
N ASP A 207 -0.66 1.78 2.17
CA ASP A 207 -1.60 1.14 3.12
C ASP A 207 -2.67 0.30 2.33
N TYR A 208 -2.70 -1.00 2.62
CA TYR A 208 -3.71 -1.95 2.14
C TYR A 208 -4.33 -2.74 3.33
N ALA A 209 -4.11 -2.26 4.56
CA ALA A 209 -4.78 -2.82 5.71
C ALA A 209 -6.07 -2.04 6.05
N ASP A 210 -5.87 -0.82 6.54
CA ASP A 210 -6.95 0.07 6.95
C ASP A 210 -7.71 0.62 5.80
N HIS A 211 -7.05 0.71 4.65
CA HIS A 211 -7.58 1.34 3.45
C HIS A 211 -7.48 0.29 2.38
N PHE A 212 -8.54 0.13 1.59
CA PHE A 212 -8.41 -0.75 0.43
C PHE A 212 -9.12 -0.11 -0.70
N VAL A 213 -8.37 0.19 -1.76
CA VAL A 213 -8.91 0.86 -2.96
C VAL A 213 -8.77 -0.02 -4.22
N TRP A 214 -9.91 -0.17 -4.88
CA TRP A 214 -9.98 -0.80 -6.16
C TRP A 214 -10.11 0.25 -7.20
N VAL A 215 -9.38 0.03 -8.31
CA VAL A 215 -9.27 0.95 -9.45
C VAL A 215 -9.72 0.14 -10.68
N MET A 216 -10.31 0.83 -11.65
CA MET A 216 -10.69 0.23 -12.92
C MET A 216 -9.95 0.98 -14.02
N THR A 217 -9.29 0.30 -14.94
CA THR A 217 -8.50 1.08 -15.91
C THR A 217 -8.93 0.85 -17.35
N GLU A 218 -8.70 1.87 -18.18
CA GLU A 218 -8.97 1.79 -19.62
C GLU A 218 -7.77 1.07 -20.20
N GLY A 219 -7.94 -0.21 -20.57
CA GLY A 219 -6.80 -1.07 -20.92
C GLY A 219 -5.90 -1.52 -19.76
N ALA A 220 -5.20 -2.64 -19.96
CA ALA A 220 -4.44 -3.29 -18.85
C ALA A 220 -3.41 -2.41 -18.21
N LEU A 221 -2.77 -1.55 -18.98
CA LEU A 221 -1.81 -0.61 -18.36
C LEU A 221 -2.19 0.86 -18.54
N GLY A 222 -3.46 1.13 -18.81
CA GLY A 222 -3.93 2.48 -19.09
C GLY A 222 -4.43 3.27 -17.90
N PRO A 223 -4.90 4.52 -18.16
CA PRO A 223 -5.36 5.42 -17.08
C PRO A 223 -6.42 4.82 -16.20
N VAL A 224 -6.45 5.23 -14.94
CA VAL A 224 -7.57 4.92 -14.04
C VAL A 224 -8.79 5.73 -14.50
N ILE A 225 -9.95 5.09 -14.53
CA ILE A 225 -11.12 5.78 -14.99
C ILE A 225 -12.18 5.77 -13.89
N ALA A 226 -11.99 4.92 -12.90
CA ALA A 226 -12.91 4.92 -11.77
C ALA A 226 -12.30 4.28 -10.54
N ASP A 227 -12.76 4.66 -9.36
CA ASP A 227 -12.23 3.98 -8.16
C ASP A 227 -13.24 3.84 -7.03
N ALA A 228 -13.04 2.82 -6.19
CA ALA A 228 -13.92 2.53 -5.06
C ALA A 228 -13.05 2.17 -3.83
N ARG A 229 -13.37 2.69 -2.65
CA ARG A 229 -12.62 2.34 -1.43
C ARG A 229 -13.43 2.01 -0.17
N PHE A 230 -12.91 1.16 0.71
CA PHE A 230 -13.36 1.17 2.08
C PHE A 230 -12.22 1.66 3.00
N VAL A 231 -12.57 2.43 4.03
CA VAL A 231 -11.62 2.98 5.02
C VAL A 231 -12.11 2.52 6.39
N ARG A 232 -11.42 1.57 6.98
CA ARG A 232 -11.92 1.09 8.26
C ARG A 232 -12.09 2.28 9.25
N GLU A 233 -13.19 2.27 10.02
CA GLU A 233 -13.47 3.27 11.03
C GLU A 233 -12.54 3.02 12.23
N GLY A 234 -11.24 3.12 11.98
CA GLY A 234 -10.20 2.87 12.96
C GLY A 234 -9.34 1.67 12.59
N HIS A 235 -8.10 1.69 13.05
CA HIS A 235 -7.15 0.63 12.77
C HIS A 235 -7.79 -0.68 13.13
N ASN A 236 -8.27 -1.43 12.14
CA ASN A 236 -8.80 -2.80 12.35
C ASN A 236 -10.29 -2.99 12.70
N ALA A 237 -11.07 -1.91 12.61
CA ALA A 237 -12.50 -1.96 12.84
C ALA A 237 -13.16 -2.90 11.84
N THR A 238 -14.31 -3.46 12.20
CA THR A 238 -15.11 -4.26 11.29
C THR A 238 -16.14 -3.38 10.61
N MET A 239 -16.20 -2.11 11.04
CA MET A 239 -16.93 -1.08 10.32
C MET A 239 -15.99 -0.19 9.44
N ALA A 240 -16.37 0.05 8.17
CA ALA A 240 -15.57 0.84 7.22
C ALA A 240 -16.44 1.82 6.43
N GLU A 241 -15.99 3.05 6.26
CA GLU A 241 -16.67 3.94 5.36
C GLU A 241 -16.37 3.53 3.91
N VAL A 242 -17.29 3.80 2.96
CA VAL A 242 -17.05 3.57 1.52
C VAL A 242 -17.20 4.88 0.70
N ALA A 243 -16.53 4.95 -0.43
CA ALA A 243 -16.67 6.06 -1.38
C ALA A 243 -16.30 5.57 -2.77
N PHE A 244 -17.01 6.05 -3.78
CA PHE A 244 -16.83 5.65 -5.16
C PHE A 244 -16.69 6.92 -5.98
N THR A 245 -15.80 6.87 -6.96
CA THR A 245 -15.62 7.92 -7.96
C THR A 245 -15.60 7.26 -9.36
N VAL A 246 -16.19 7.95 -10.32
CA VAL A 246 -16.23 7.49 -11.70
C VAL A 246 -15.85 8.67 -12.57
N GLY A 247 -14.92 8.48 -13.51
CA GLY A 247 -14.48 9.57 -14.40
C GLY A 247 -15.63 10.16 -15.22
N ASP A 248 -15.34 11.20 -15.99
CA ASP A 248 -16.39 11.96 -16.69
C ASP A 248 -17.17 11.18 -17.77
N ASP A 249 -16.47 10.68 -18.79
CA ASP A 249 -17.11 10.01 -19.92
C ASP A 249 -17.82 8.72 -19.54
N TYR A 250 -17.60 8.27 -18.30
CA TYR A 250 -17.84 6.87 -17.95
C TYR A 250 -18.98 6.57 -17.02
N GLN A 251 -19.79 7.60 -16.76
CA GLN A 251 -20.95 7.44 -15.93
C GLN A 251 -22.01 6.60 -16.57
N GLY A 252 -22.79 5.93 -15.74
CA GLY A 252 -23.93 5.18 -16.21
C GLY A 252 -23.56 4.01 -17.09
N ARG A 253 -22.37 3.43 -16.87
CA ARG A 253 -21.89 2.30 -17.68
C ARG A 253 -21.80 0.98 -16.90
N GLY A 254 -22.26 0.97 -15.65
CA GLY A 254 -22.21 -0.23 -14.79
C GLY A 254 -20.93 -0.35 -13.95
N ILE A 255 -20.16 0.73 -13.90
CA ILE A 255 -18.79 0.65 -13.32
C ILE A 255 -18.72 0.64 -11.79
N GLY A 256 -19.46 1.53 -11.17
CA GLY A 256 -19.46 1.65 -9.70
C GLY A 256 -20.13 0.45 -9.10
N SER A 257 -21.11 -0.07 -9.81
CA SER A 257 -21.78 -1.29 -9.41
C SER A 257 -20.80 -2.45 -9.41
N PHE A 258 -19.93 -2.50 -10.43
CA PHE A 258 -18.94 -3.57 -10.52
C PHE A 258 -17.90 -3.47 -9.40
N LEU A 259 -17.41 -2.26 -9.21
CA LEU A 259 -16.37 -2.00 -8.22
C LEU A 259 -16.86 -2.34 -6.82
N MET A 260 -18.17 -2.18 -6.62
CA MET A 260 -18.77 -2.46 -5.34
C MET A 260 -18.71 -3.97 -5.10
N GLY A 261 -18.84 -4.71 -6.19
CA GLY A 261 -18.71 -6.15 -6.10
C GLY A 261 -17.30 -6.53 -5.68
N ALA A 262 -16.31 -5.89 -6.28
CA ALA A 262 -14.90 -6.10 -5.88
C ALA A 262 -14.66 -5.69 -4.41
N LEU A 263 -15.22 -4.53 -4.06
CA LEU A 263 -15.13 -4.02 -2.70
C LEU A 263 -15.72 -5.03 -1.67
N ILE A 264 -16.90 -5.64 -1.97
CA ILE A 264 -17.45 -6.67 -1.06
C ILE A 264 -16.56 -7.88 -0.84
N VAL A 265 -15.99 -8.43 -1.93
CA VAL A 265 -15.07 -9.59 -1.85
C VAL A 265 -13.89 -9.29 -0.93
N SER A 266 -13.27 -8.13 -1.14
CA SER A 266 -12.15 -7.67 -0.31
C SER A 266 -12.54 -7.44 1.17
N ALA A 267 -13.64 -6.76 1.43
CA ALA A 267 -14.11 -6.63 2.82
C ALA A 267 -14.21 -7.98 3.59
N ASN A 268 -15.06 -8.89 3.08
CA ASN A 268 -15.23 -10.26 3.60
C ASN A 268 -13.89 -10.91 3.93
N TYR A 269 -13.00 -10.93 2.93
CA TYR A 269 -11.70 -11.59 3.06
C TYR A 269 -10.87 -11.03 4.20
N VAL A 270 -10.96 -9.72 4.45
CA VAL A 270 -10.21 -9.10 5.54
C VAL A 270 -11.05 -8.84 6.79
N GLY A 271 -12.33 -9.26 6.80
CA GLY A 271 -13.11 -9.21 8.03
C GLY A 271 -13.87 -7.92 8.33
N VAL A 272 -14.05 -7.06 7.33
CA VAL A 272 -14.94 -5.90 7.45
C VAL A 272 -16.41 -6.36 7.33
N GLN A 273 -17.16 -6.17 8.40
CA GLN A 273 -18.51 -6.68 8.44
C GLN A 273 -19.53 -5.62 8.06
N ARG A 274 -19.15 -4.33 8.11
CA ARG A 274 -20.15 -3.28 7.90
C ARG A 274 -19.65 -2.08 7.14
N PHE A 275 -20.51 -1.46 6.32
CA PHE A 275 -20.14 -0.24 5.57
C PHE A 275 -20.98 0.95 5.96
N ASN A 276 -20.40 2.14 5.92
CA ASN A 276 -21.18 3.38 5.97
C ASN A 276 -20.79 4.31 4.82
N ALA A 277 -21.71 5.19 4.45
CA ALA A 277 -21.43 6.13 3.39
C ALA A 277 -22.13 7.43 3.67
N ARG A 278 -21.62 8.54 3.13
CA ARG A 278 -22.45 9.76 3.01
C ARG A 278 -22.01 10.65 1.84
N VAL A 279 -22.94 11.33 1.17
CA VAL A 279 -22.62 12.34 0.11
C VAL A 279 -23.83 13.16 -0.40
N LEU A 280 -23.60 13.82 -1.55
CA LEU A 280 -24.57 14.64 -2.29
C LEU A 280 -25.92 13.99 -2.61
N THR A 281 -26.99 14.77 -2.43
CA THR A 281 -28.28 14.47 -3.06
C THR A 281 -28.05 14.03 -4.52
N ASP A 282 -27.26 14.82 -5.26
CA ASP A 282 -27.08 14.70 -6.72
C ASP A 282 -26.71 13.33 -7.31
N ASN A 283 -25.67 12.68 -6.80
CA ASN A 283 -25.28 11.41 -7.38
C ASN A 283 -26.10 10.24 -6.88
N MET A 284 -27.26 10.05 -7.53
CA MET A 284 -28.16 8.92 -7.26
C MET A 284 -27.38 7.62 -7.37
N ALA A 285 -26.45 7.59 -8.34
CA ALA A 285 -25.50 6.50 -8.54
C ALA A 285 -24.99 5.90 -7.22
N MET A 286 -24.46 6.75 -6.34
CA MET A 286 -23.99 6.34 -5.01
C MET A 286 -25.11 5.75 -4.13
N ARG A 287 -26.30 6.36 -4.23
CA ARG A 287 -27.48 5.93 -3.49
C ARG A 287 -27.86 4.57 -4.05
N LYS A 288 -27.77 4.45 -5.38
CA LYS A 288 -28.16 3.24 -6.09
C LYS A 288 -27.23 2.08 -5.77
N ILE A 289 -25.96 2.39 -5.49
CA ILE A 289 -25.01 1.39 -5.10
C ILE A 289 -25.36 0.83 -3.71
N MET A 290 -25.53 1.74 -2.75
CA MET A 290 -25.84 1.40 -1.37
C MET A 290 -27.26 0.83 -1.30
N ASP A 291 -28.16 1.50 -2.01
CA ASP A 291 -29.48 0.95 -2.27
C ASP A 291 -29.43 -0.57 -2.43
N ARG A 292 -28.62 -1.06 -3.38
CA ARG A 292 -28.65 -2.50 -3.74
C ARG A 292 -28.28 -3.44 -2.56
N LEU A 293 -27.70 -2.88 -1.50
CA LEU A 293 -27.48 -3.62 -0.24
C LEU A 293 -28.54 -3.30 0.81
N GLY A 294 -29.63 -2.68 0.35
CA GLY A 294 -30.69 -2.19 1.21
C GLY A 294 -30.21 -1.15 2.20
N ALA A 295 -29.67 -0.03 1.72
CA ALA A 295 -29.29 1.11 2.57
C ALA A 295 -30.51 1.80 3.23
N VAL A 296 -30.21 2.80 4.09
CA VAL A 296 -31.10 3.44 5.08
C VAL A 296 -30.70 4.93 5.20
N TRP A 297 -31.25 5.80 4.35
CA TRP A 297 -30.86 7.23 4.35
C TRP A 297 -31.45 8.11 5.45
N VAL A 298 -30.60 8.97 6.04
CA VAL A 298 -31.05 10.01 7.01
C VAL A 298 -30.55 11.40 6.62
N VAL A 304 -27.89 16.25 1.05
CA VAL A 304 -26.78 15.45 1.56
C VAL A 304 -27.23 14.45 2.64
N VAL A 305 -26.99 13.16 2.39
CA VAL A 305 -27.57 12.06 3.20
C VAL A 305 -26.54 10.95 3.58
N MET A 306 -26.88 10.11 4.58
CA MET A 306 -25.96 9.07 5.11
C MET A 306 -26.61 7.69 5.40
N THR A 307 -25.80 6.62 5.41
CA THR A 307 -26.28 5.25 5.70
C THR A 307 -25.27 4.28 6.35
N GLU A 308 -25.79 3.23 6.98
CA GLU A 308 -24.97 2.04 7.24
C GLU A 308 -25.60 0.75 6.68
N VAL A 309 -24.75 -0.23 6.31
CA VAL A 309 -25.21 -1.54 5.80
C VAL A 309 -24.27 -2.67 6.23
N ASP A 310 -24.77 -3.89 6.34
CA ASP A 310 -23.86 -5.03 6.53
C ASP A 310 -23.19 -5.32 5.20
N VAL A 311 -21.96 -5.80 5.22
CA VAL A 311 -21.35 -6.29 3.98
C VAL A 311 -21.99 -7.66 3.70
N PRO A 312 -22.67 -7.84 2.54
CA PRO A 312 -23.27 -9.17 2.28
C PRO A 312 -22.23 -10.30 2.18
N PRO A 313 -22.65 -11.59 2.39
CA PRO A 313 -21.65 -12.68 2.23
C PRO A 313 -21.13 -12.78 0.78
N VAL A 314 -19.93 -13.35 0.58
CA VAL A 314 -19.28 -13.38 -0.73
C VAL A 314 -20.23 -14.04 -1.75
N ASP A 315 -20.98 -15.04 -1.26
CA ASP A 315 -22.20 -15.67 -1.84
C ASP A 315 -22.96 -14.90 -2.90
N THR A 316 -23.10 -13.59 -2.71
CA THR A 316 -24.19 -12.85 -3.34
C THR A 316 -23.68 -11.81 -4.32
N VAL A 317 -22.37 -11.68 -4.43
CA VAL A 317 -21.89 -10.82 -5.48
C VAL A 317 -22.09 -11.60 -6.77
N PRO A 318 -22.68 -10.98 -7.80
CA PRO A 318 -23.07 -11.72 -8.99
C PRO A 318 -21.89 -11.80 -9.99
N PHE A 319 -20.83 -12.49 -9.58
CA PHE A 319 -19.65 -12.70 -10.40
C PHE A 319 -19.41 -14.17 -10.41
N GLU A 320 -18.80 -14.64 -11.49
CA GLU A 320 -18.38 -16.01 -11.58
C GLU A 320 -17.42 -16.38 -10.45
N PRO A 321 -17.55 -17.60 -9.91
CA PRO A 321 -16.67 -18.05 -8.84
C PRO A 321 -15.20 -17.76 -9.12
N GLU A 322 -14.76 -18.01 -10.34
CA GLU A 322 -13.36 -17.80 -10.71
C GLU A 322 -12.99 -16.34 -10.57
N LEU A 323 -13.93 -15.43 -10.85
CA LEU A 323 -13.61 -14.03 -10.74
C LEU A 323 -13.45 -13.68 -9.25
N ILE A 324 -14.38 -14.18 -8.42
CA ILE A 324 -14.26 -14.11 -6.96
C ILE A 324 -12.85 -14.56 -6.44
N ASP A 325 -12.41 -15.75 -6.83
CA ASP A 325 -11.07 -16.23 -6.47
C ASP A 325 -9.90 -15.33 -6.92
N GLN A 326 -10.03 -14.68 -8.09
CA GLN A 326 -9.00 -13.81 -8.58
C GLN A 326 -8.96 -12.50 -7.82
N ILE A 327 -10.14 -11.93 -7.53
CA ILE A 327 -10.22 -10.70 -6.75
C ILE A 327 -9.68 -10.89 -5.32
N ARG A 328 -9.94 -12.07 -4.75
CA ARG A 328 -9.46 -12.47 -3.42
C ARG A 328 -7.98 -12.71 -3.42
N ASP A 329 -7.48 -13.42 -4.42
CA ASP A 329 -6.06 -13.61 -4.54
C ASP A 329 -5.31 -12.25 -4.77
N ALA A 330 -5.85 -11.39 -5.62
CA ALA A 330 -5.23 -10.06 -5.83
C ALA A 330 -5.17 -9.32 -4.51
N THR A 331 -6.30 -9.30 -3.80
CA THR A 331 -6.35 -8.73 -2.42
C THR A 331 -5.21 -9.39 -1.59
N ARG A 332 -5.14 -10.71 -1.60
CA ARG A 332 -4.13 -11.49 -0.85
C ARG A 332 -2.69 -11.01 -1.17
N LYS A 333 -2.39 -11.02 -2.46
CA LYS A 333 -1.06 -10.74 -2.89
C LYS A 333 -0.66 -9.35 -2.43
N VAL A 334 -1.54 -8.35 -2.56
CA VAL A 334 -1.08 -6.94 -2.35
C VAL A 334 -0.88 -6.71 -0.86
N ILE A 335 -1.81 -7.21 -0.06
CA ILE A 335 -1.55 -7.17 1.39
C ILE A 335 -0.19 -7.81 1.79
N ARG A 336 0.09 -8.99 1.23
CA ARG A 336 1.32 -9.72 1.49
C ARG A 336 2.58 -8.93 1.05
N ALA A 337 2.52 -8.23 -0.10
CA ALA A 337 3.60 -7.32 -0.55
C ALA A 337 3.98 -6.26 0.45
N VAL A 338 2.97 -5.79 1.16
CA VAL A 338 3.08 -4.67 2.04
C VAL A 338 3.16 -5.12 3.51
N SER A 339 3.30 -6.44 3.70
CA SER A 339 3.58 -6.98 5.03
C SER A 339 5.06 -7.26 5.26
N GLN A 340 5.65 -6.50 6.14
CA GLN A 340 7.05 -6.67 6.50
C GLN A 340 7.22 -7.20 7.95
#